data_2N6N
#
_entry.id   2N6N
#
_entity_poly.entity_id   1
_entity_poly.type   'polypeptide(L)'
_entity_poly.pdbx_seq_one_letter_code
;GYCAEKGIKCHNIHCCSGLTCKCKGSSCVCRK
;
_entity_poly.pdbx_strand_id   A
#
# COMPACT_ATOMS: atom_id res chain seq x y z
N GLY A 1 12.38 3.20 -8.29
CA GLY A 1 12.43 2.13 -7.30
C GLY A 1 12.10 2.63 -5.91
N TYR A 2 10.81 2.81 -5.64
CA TYR A 2 10.37 3.29 -4.33
C TYR A 2 9.18 2.47 -3.84
N CYS A 3 8.64 2.86 -2.68
CA CYS A 3 7.51 2.16 -2.09
C CYS A 3 6.58 3.14 -1.39
N ALA A 4 5.33 2.74 -1.23
CA ALA A 4 4.33 3.59 -0.57
C ALA A 4 4.38 3.40 0.94
N GLU A 5 4.05 4.47 1.67
CA GLU A 5 4.05 4.42 3.13
C GLU A 5 2.64 4.19 3.67
N LYS A 6 2.54 4.09 4.99
CA LYS A 6 1.25 3.86 5.64
C LYS A 6 0.24 4.93 5.23
N GLY A 7 -0.87 4.49 4.65
CA GLY A 7 -1.90 5.41 4.22
C GLY A 7 -1.73 5.84 2.78
N ILE A 8 -0.52 5.68 2.26
CA ILE A 8 -0.23 6.05 0.87
C ILE A 8 -0.78 5.01 -0.11
N LYS A 9 -1.88 5.36 -0.76
CA LYS A 9 -2.51 4.45 -1.73
C LYS A 9 -1.49 4.00 -2.78
N CYS A 10 -1.77 2.86 -3.41
CA CYS A 10 -0.89 2.32 -4.43
C CYS A 10 -1.68 1.61 -5.52
N HIS A 11 -1.31 1.85 -6.77
CA HIS A 11 -1.98 1.25 -7.90
C HIS A 11 -1.29 -0.04 -8.33
N ASN A 12 0.02 0.04 -8.52
CA ASN A 12 0.81 -1.13 -8.93
C ASN A 12 2.07 -1.25 -8.10
N ILE A 13 2.21 -0.39 -7.10
CA ILE A 13 3.37 -0.40 -6.22
C ILE A 13 3.03 -1.04 -4.88
N HIS A 14 4.06 -1.54 -4.20
CA HIS A 14 3.87 -2.16 -2.89
C HIS A 14 4.34 -1.25 -1.77
N CYS A 15 3.76 -1.41 -0.59
CA CYS A 15 4.12 -0.60 0.57
C CYS A 15 5.49 -1.00 1.11
N CYS A 16 6.20 -0.03 1.68
CA CYS A 16 7.53 -0.28 2.23
C CYS A 16 7.46 -1.36 3.31
N SER A 17 8.63 -1.70 3.88
CA SER A 17 8.70 -2.71 4.91
C SER A 17 7.77 -2.38 6.07
N GLY A 18 7.13 -3.40 6.62
CA GLY A 18 6.22 -3.20 7.73
C GLY A 18 4.78 -3.02 7.27
N LEU A 19 4.60 -2.64 6.01
CA LEU A 19 3.27 -2.44 5.45
C LEU A 19 3.06 -3.31 4.22
N THR A 20 1.80 -3.57 3.89
CA THR A 20 1.46 -4.38 2.73
C THR A 20 0.35 -3.74 1.91
N CYS A 21 0.47 -3.80 0.60
CA CYS A 21 -0.52 -3.23 -0.30
C CYS A 21 -1.82 -4.02 -0.25
N LYS A 22 -2.69 -3.66 0.70
CA LYS A 22 -3.97 -4.35 0.85
C LYS A 22 -5.08 -3.59 0.11
N CYS A 23 -6.04 -4.34 -0.42
CA CYS A 23 -7.16 -3.75 -1.14
C CYS A 23 -8.46 -4.43 -0.78
N LYS A 24 -9.35 -3.68 -0.13
CA LYS A 24 -10.65 -4.21 0.28
C LYS A 24 -11.77 -3.64 -0.59
N GLY A 25 -12.21 -4.42 -1.56
CA GLY A 25 -13.28 -3.97 -2.44
C GLY A 25 -12.77 -3.07 -3.55
N SER A 26 -13.18 -1.81 -3.51
CA SER A 26 -12.77 -0.84 -4.51
C SER A 26 -11.82 0.20 -3.92
N SER A 27 -11.12 -0.18 -2.85
CA SER A 27 -10.19 0.73 -2.19
C SER A 27 -8.80 0.11 -2.11
N CYS A 28 -7.78 0.96 -2.07
CA CYS A 28 -6.39 0.50 -2.00
C CYS A 28 -5.59 1.38 -1.05
N VAL A 29 -5.29 0.86 0.13
CA VAL A 29 -4.53 1.59 1.12
C VAL A 29 -3.50 0.69 1.80
N CYS A 30 -2.38 1.28 2.22
CA CYS A 30 -1.32 0.53 2.88
C CYS A 30 -1.70 0.22 4.33
N ARG A 31 -1.84 -1.06 4.63
CA ARG A 31 -2.20 -1.49 5.98
C ARG A 31 -1.16 -2.45 6.55
N LYS A 32 -0.97 -2.41 7.86
CA LYS A 32 0.00 -3.26 8.53
C LYS A 32 -0.35 -4.73 8.32
N GLY A 1 13.18 -0.06 -5.35
CA GLY A 1 13.53 1.33 -5.61
C GLY A 1 12.59 2.30 -4.91
N TYR A 2 11.29 2.05 -5.05
CA TYR A 2 10.29 2.92 -4.44
C TYR A 2 9.21 2.09 -3.75
N CYS A 3 8.47 2.73 -2.84
CA CYS A 3 7.40 2.06 -2.12
C CYS A 3 6.50 3.07 -1.41
N ALA A 4 5.24 2.70 -1.21
CA ALA A 4 4.28 3.57 -0.55
C ALA A 4 4.35 3.42 0.97
N GLU A 5 4.00 4.47 1.68
CA GLU A 5 4.02 4.45 3.14
C GLU A 5 2.62 4.25 3.71
N LYS A 6 2.51 4.26 5.02
CA LYS A 6 1.22 4.08 5.70
C LYS A 6 0.21 5.12 5.24
N GLY A 7 -0.88 4.66 4.65
CA GLY A 7 -1.90 5.57 4.16
C GLY A 7 -1.71 5.95 2.71
N ILE A 8 -0.49 5.77 2.22
CA ILE A 8 -0.17 6.11 0.83
C ILE A 8 -0.71 5.05 -0.12
N LYS A 9 -1.81 5.37 -0.81
CA LYS A 9 -2.42 4.45 -1.75
C LYS A 9 -1.41 3.98 -2.79
N CYS A 10 -1.71 2.85 -3.43
CA CYS A 10 -0.82 2.30 -4.45
C CYS A 10 -1.62 1.59 -5.53
N HIS A 11 -1.24 1.81 -6.79
CA HIS A 11 -1.91 1.19 -7.92
C HIS A 11 -1.21 -0.11 -8.33
N ASN A 12 0.09 -0.04 -8.51
CA ASN A 12 0.88 -1.20 -8.91
C ASN A 12 2.14 -1.32 -8.06
N ILE A 13 2.28 -0.44 -7.08
CA ILE A 13 3.44 -0.44 -6.19
C ILE A 13 3.10 -1.06 -4.84
N HIS A 14 4.11 -1.56 -4.15
CA HIS A 14 3.92 -2.18 -2.84
C HIS A 14 4.38 -1.24 -1.73
N CYS A 15 3.80 -1.42 -0.54
CA CYS A 15 4.15 -0.58 0.60
C CYS A 15 5.52 -0.96 1.16
N CYS A 16 6.21 0.02 1.71
CA CYS A 16 7.53 -0.20 2.29
C CYS A 16 7.50 -1.32 3.32
N SER A 17 8.67 -1.70 3.82
CA SER A 17 8.77 -2.76 4.81
C SER A 17 7.85 -2.48 6.01
N GLY A 18 7.19 -3.52 6.49
CA GLY A 18 6.29 -3.37 7.62
C GLY A 18 4.84 -3.21 7.19
N LEU A 19 4.64 -2.69 5.99
CA LEU A 19 3.30 -2.48 5.46
C LEU A 19 3.07 -3.31 4.19
N THR A 20 1.82 -3.66 3.94
CA THR A 20 1.48 -4.45 2.76
C THR A 20 0.37 -3.78 1.96
N CYS A 21 0.49 -3.82 0.64
CA CYS A 21 -0.50 -3.22 -0.25
C CYS A 21 -1.82 -3.99 -0.19
N LYS A 22 -2.67 -3.62 0.77
CA LYS A 22 -3.96 -4.28 0.93
C LYS A 22 -5.06 -3.48 0.23
N CYS A 23 -5.94 -4.19 -0.45
CA CYS A 23 -7.06 -3.55 -1.16
C CYS A 23 -8.35 -4.33 -0.97
N LYS A 24 -9.31 -3.71 -0.29
CA LYS A 24 -10.60 -4.35 -0.03
C LYS A 24 -11.70 -3.72 -0.89
N GLY A 25 -12.29 -4.53 -1.76
CA GLY A 25 -13.35 -4.04 -2.63
C GLY A 25 -12.85 -3.04 -3.65
N SER A 26 -13.27 -1.79 -3.52
CA SER A 26 -12.86 -0.74 -4.45
C SER A 26 -11.94 0.27 -3.75
N SER A 27 -11.24 -0.20 -2.72
CA SER A 27 -10.33 0.65 -1.97
C SER A 27 -8.92 0.06 -1.93
N CYS A 28 -7.92 0.93 -1.92
CA CYS A 28 -6.53 0.48 -1.89
C CYS A 28 -5.71 1.37 -0.95
N VAL A 29 -5.37 0.85 0.22
CA VAL A 29 -4.58 1.58 1.19
C VAL A 29 -3.57 0.68 1.89
N CYS A 30 -2.44 1.26 2.28
CA CYS A 30 -1.40 0.50 2.96
C CYS A 30 -1.77 0.23 4.42
N ARG A 31 -1.75 -1.04 4.80
CA ARG A 31 -2.09 -1.43 6.17
C ARG A 31 -1.16 -2.53 6.67
N LYS A 32 -0.98 -2.59 7.98
CA LYS A 32 -0.12 -3.60 8.59
C LYS A 32 -0.70 -4.99 8.41
N GLY A 1 14.87 2.50 -4.73
CA GLY A 1 13.74 1.71 -4.26
C GLY A 1 12.53 2.56 -3.94
N TYR A 2 11.49 2.43 -4.75
CA TYR A 2 10.27 3.19 -4.55
C TYR A 2 9.17 2.33 -3.94
N CYS A 3 8.50 2.87 -2.93
CA CYS A 3 7.43 2.15 -2.25
C CYS A 3 6.50 3.11 -1.53
N ALA A 4 5.26 2.68 -1.32
CA ALA A 4 4.27 3.51 -0.64
C ALA A 4 4.37 3.35 0.88
N GLU A 5 3.93 4.36 1.61
CA GLU A 5 3.97 4.33 3.07
C GLU A 5 2.57 4.15 3.66
N LYS A 6 2.51 4.07 4.98
CA LYS A 6 1.22 3.89 5.67
C LYS A 6 0.24 4.99 5.27
N GLY A 7 -0.89 4.58 4.70
CA GLY A 7 -1.90 5.54 4.28
C GLY A 7 -1.75 5.95 2.84
N ILE A 8 -0.56 5.73 2.29
CA ILE A 8 -0.29 6.08 0.89
C ILE A 8 -0.93 5.07 -0.05
N LYS A 9 -2.04 5.44 -0.66
CA LYS A 9 -2.75 4.57 -1.59
C LYS A 9 -1.83 4.15 -2.74
N CYS A 10 -1.87 2.86 -3.08
CA CYS A 10 -1.04 2.33 -4.16
C CYS A 10 -1.89 1.65 -5.22
N HIS A 11 -1.57 1.90 -6.49
CA HIS A 11 -2.32 1.30 -7.59
C HIS A 11 -1.64 0.02 -8.07
N ASN A 12 -0.34 0.10 -8.32
CA ASN A 12 0.42 -1.06 -8.79
C ASN A 12 1.73 -1.19 -8.01
N ILE A 13 1.91 -0.34 -7.02
CA ILE A 13 3.11 -0.37 -6.19
C ILE A 13 2.85 -1.01 -4.85
N HIS A 14 3.91 -1.52 -4.21
CA HIS A 14 3.79 -2.17 -2.92
C HIS A 14 4.28 -1.25 -1.80
N CYS A 15 3.77 -1.45 -0.60
CA CYS A 15 4.16 -0.64 0.55
C CYS A 15 5.53 -1.07 1.08
N CYS A 16 6.28 -0.11 1.60
CA CYS A 16 7.61 -0.38 2.14
C CYS A 16 7.54 -1.45 3.23
N SER A 17 8.70 -1.87 3.71
CA SER A 17 8.78 -2.89 4.76
C SER A 17 7.92 -2.50 5.96
N GLY A 18 7.29 -3.50 6.56
CA GLY A 18 6.43 -3.24 7.72
C GLY A 18 4.97 -3.10 7.34
N LEU A 19 4.73 -2.61 6.13
CA LEU A 19 3.35 -2.43 5.65
C LEU A 19 3.06 -3.35 4.48
N THR A 20 1.77 -3.57 4.22
CA THR A 20 1.36 -4.44 3.13
C THR A 20 0.29 -3.77 2.28
N CYS A 21 0.46 -3.82 0.96
CA CYS A 21 -0.50 -3.21 0.03
C CYS A 21 -1.78 -4.03 -0.02
N LYS A 22 -2.70 -3.73 0.89
CA LYS A 22 -3.98 -4.42 0.94
C LYS A 22 -5.06 -3.66 0.18
N CYS A 23 -6.00 -4.39 -0.40
CA CYS A 23 -7.08 -3.78 -1.16
C CYS A 23 -8.43 -4.40 -0.78
N LYS A 24 -9.30 -3.60 -0.17
CA LYS A 24 -10.61 -4.07 0.22
C LYS A 24 -11.70 -3.51 -0.69
N GLY A 25 -12.09 -4.30 -1.68
CA GLY A 25 -13.12 -3.88 -2.62
C GLY A 25 -12.54 -3.06 -3.76
N SER A 26 -12.90 -1.78 -3.80
CA SER A 26 -12.43 -0.89 -4.86
C SER A 26 -11.47 0.16 -4.30
N SER A 27 -10.83 -0.17 -3.19
CA SER A 27 -9.88 0.74 -2.55
C SER A 27 -8.52 0.06 -2.36
N CYS A 28 -7.46 0.87 -2.36
CA CYS A 28 -6.11 0.36 -2.19
C CYS A 28 -5.29 1.28 -1.29
N VAL A 29 -5.07 0.85 -0.05
CA VAL A 29 -4.29 1.63 0.90
C VAL A 29 -3.35 0.74 1.70
N CYS A 30 -2.23 1.32 2.14
CA CYS A 30 -1.25 0.58 2.93
C CYS A 30 -1.73 0.37 4.36
N ARG A 31 -1.57 -0.86 4.85
CA ARG A 31 -1.99 -1.19 6.20
C ARG A 31 -0.99 -2.15 6.87
N LYS A 32 -0.71 -1.89 8.14
CA LYS A 32 0.23 -2.73 8.89
C LYS A 32 -0.15 -4.20 8.78
N GLY A 1 14.70 1.20 -4.85
CA GLY A 1 13.69 0.51 -4.08
C GLY A 1 12.58 1.43 -3.62
N TYR A 2 11.69 1.79 -4.54
CA TYR A 2 10.58 2.68 -4.21
C TYR A 2 9.43 1.90 -3.58
N CYS A 3 8.66 2.58 -2.73
CA CYS A 3 7.53 1.95 -2.06
C CYS A 3 6.66 3.01 -1.37
N ALA A 4 5.38 2.69 -1.21
CA ALA A 4 4.45 3.61 -0.56
C ALA A 4 4.45 3.42 0.96
N GLU A 5 4.14 4.49 1.68
CA GLU A 5 4.11 4.44 3.14
C GLU A 5 2.69 4.23 3.65
N LYS A 6 2.54 4.19 4.97
CA LYS A 6 1.24 3.99 5.59
C LYS A 6 0.27 5.08 5.16
N GLY A 7 -0.86 4.67 4.58
CA GLY A 7 -1.86 5.62 4.14
C GLY A 7 -1.66 6.04 2.69
N ILE A 8 -0.46 5.82 2.17
CA ILE A 8 -0.15 6.18 0.80
C ILE A 8 -0.68 5.13 -0.17
N LYS A 9 -1.79 5.45 -0.84
CA LYS A 9 -2.39 4.55 -1.80
C LYS A 9 -1.38 4.08 -2.84
N CYS A 10 -1.66 2.94 -3.46
CA CYS A 10 -0.78 2.38 -4.47
C CYS A 10 -1.57 1.70 -5.58
N HIS A 11 -1.15 1.93 -6.83
CA HIS A 11 -1.82 1.33 -7.98
C HIS A 11 -1.14 0.03 -8.39
N ASN A 12 0.18 0.08 -8.56
CA ASN A 12 0.95 -1.09 -8.95
C ASN A 12 2.19 -1.24 -8.09
N ILE A 13 2.32 -0.37 -7.09
CA ILE A 13 3.47 -0.41 -6.19
C ILE A 13 3.09 -1.04 -4.85
N HIS A 14 4.10 -1.56 -4.15
CA HIS A 14 3.88 -2.19 -2.85
C HIS A 14 4.33 -1.28 -1.73
N CYS A 15 3.72 -1.43 -0.56
CA CYS A 15 4.06 -0.62 0.60
C CYS A 15 5.42 -1.02 1.16
N CYS A 16 6.13 -0.04 1.71
CA CYS A 16 7.45 -0.28 2.28
C CYS A 16 7.38 -1.36 3.37
N SER A 17 8.53 -1.67 3.95
CA SER A 17 8.62 -2.69 5.00
C SER A 17 7.66 -2.36 6.14
N GLY A 18 7.02 -3.40 6.68
CA GLY A 18 6.08 -3.20 7.76
C GLY A 18 4.65 -3.04 7.28
N LEU A 19 4.50 -2.68 6.01
CA LEU A 19 3.18 -2.49 5.42
C LEU A 19 3.01 -3.36 4.18
N THR A 20 1.75 -3.61 3.81
CA THR A 20 1.46 -4.42 2.64
C THR A 20 0.34 -3.80 1.80
N CYS A 21 0.51 -3.80 0.49
CA CYS A 21 -0.48 -3.23 -0.41
C CYS A 21 -1.74 -4.08 -0.44
N LYS A 22 -2.66 -3.81 0.48
CA LYS A 22 -3.91 -4.55 0.56
C LYS A 22 -5.06 -3.75 -0.06
N CYS A 23 -6.02 -4.47 -0.64
CA CYS A 23 -7.17 -3.83 -1.28
C CYS A 23 -8.46 -4.57 -0.93
N LYS A 24 -9.34 -3.90 -0.19
CA LYS A 24 -10.61 -4.50 0.20
C LYS A 24 -11.76 -3.88 -0.57
N GLY A 25 -12.23 -4.58 -1.60
CA GLY A 25 -13.33 -4.08 -2.41
C GLY A 25 -12.87 -3.09 -3.46
N SER A 26 -13.29 -1.83 -3.30
CA SER A 26 -12.91 -0.78 -4.25
C SER A 26 -12.00 0.25 -3.59
N SER A 27 -11.26 -0.20 -2.58
CA SER A 27 -10.35 0.68 -1.86
C SER A 27 -8.93 0.09 -1.84
N CYS A 28 -7.93 0.98 -1.85
CA CYS A 28 -6.54 0.55 -1.84
C CYS A 28 -5.71 1.45 -0.93
N VAL A 29 -5.34 0.91 0.23
CA VAL A 29 -4.53 1.66 1.20
C VAL A 29 -3.52 0.76 1.89
N CYS A 30 -2.38 1.34 2.26
CA CYS A 30 -1.33 0.58 2.93
C CYS A 30 -1.69 0.32 4.39
N ARG A 31 -1.58 -0.94 4.81
CA ARG A 31 -1.89 -1.32 6.18
C ARG A 31 -0.84 -2.29 6.73
N LYS A 32 -0.72 -2.32 8.05
CA LYS A 32 0.24 -3.21 8.70
C LYS A 32 0.03 -4.66 8.26
N GLY A 1 15.26 1.79 -3.90
CA GLY A 1 14.04 1.48 -4.62
C GLY A 1 12.91 2.43 -4.26
N TYR A 2 11.69 2.05 -4.62
CA TYR A 2 10.52 2.87 -4.34
C TYR A 2 9.40 2.05 -3.72
N CYS A 3 8.63 2.66 -2.83
CA CYS A 3 7.53 1.98 -2.17
C CYS A 3 6.62 2.98 -1.47
N ALA A 4 5.36 2.59 -1.27
CA ALA A 4 4.38 3.45 -0.61
C ALA A 4 4.45 3.29 0.91
N GLU A 5 3.92 4.28 1.63
CA GLU A 5 3.93 4.25 3.08
C GLU A 5 2.52 4.08 3.63
N LYS A 6 2.40 3.98 4.95
CA LYS A 6 1.11 3.82 5.60
C LYS A 6 0.16 4.95 5.20
N GLY A 7 -0.99 4.58 4.63
CA GLY A 7 -1.96 5.56 4.22
C GLY A 7 -1.79 5.99 2.77
N ILE A 8 -0.60 5.74 2.23
CA ILE A 8 -0.31 6.10 0.85
C ILE A 8 -0.95 5.11 -0.12
N LYS A 9 -2.08 5.50 -0.70
CA LYS A 9 -2.79 4.65 -1.65
C LYS A 9 -1.88 4.22 -2.79
N CYS A 10 -1.88 2.93 -3.08
CA CYS A 10 -1.04 2.38 -4.15
C CYS A 10 -1.90 1.70 -5.22
N HIS A 11 -1.57 1.95 -6.48
CA HIS A 11 -2.30 1.36 -7.60
C HIS A 11 -1.64 0.07 -8.07
N ASN A 12 -0.34 0.14 -8.31
CA ASN A 12 0.42 -1.02 -8.77
C ASN A 12 1.71 -1.17 -7.99
N ILE A 13 1.90 -0.31 -6.99
CA ILE A 13 3.10 -0.35 -6.17
C ILE A 13 2.82 -0.99 -4.81
N HIS A 14 3.87 -1.51 -4.19
CA HIS A 14 3.73 -2.16 -2.89
C HIS A 14 4.28 -1.26 -1.78
N CYS A 15 3.74 -1.44 -0.57
CA CYS A 15 4.17 -0.65 0.57
C CYS A 15 5.54 -1.09 1.07
N CYS A 16 6.31 -0.13 1.60
CA CYS A 16 7.64 -0.42 2.11
C CYS A 16 7.59 -1.50 3.20
N SER A 17 8.76 -1.88 3.70
CA SER A 17 8.85 -2.90 4.75
C SER A 17 7.99 -2.52 5.95
N GLY A 18 7.32 -3.52 6.52
CA GLY A 18 6.46 -3.28 7.67
C GLY A 18 5.02 -3.03 7.27
N LEU A 19 4.81 -2.62 6.03
CA LEU A 19 3.47 -2.35 5.53
C LEU A 19 3.14 -3.25 4.34
N THR A 20 1.86 -3.54 4.16
CA THR A 20 1.42 -4.39 3.06
C THR A 20 0.31 -3.71 2.25
N CYS A 21 0.43 -3.75 0.93
CA CYS A 21 -0.55 -3.15 0.05
C CYS A 21 -1.87 -3.91 0.09
N LYS A 22 -2.73 -3.56 1.04
CA LYS A 22 -4.02 -4.22 1.18
C LYS A 22 -5.07 -3.55 0.30
N CYS A 23 -6.01 -4.36 -0.20
CA CYS A 23 -7.06 -3.84 -1.06
C CYS A 23 -8.41 -4.47 -0.70
N LYS A 24 -9.32 -3.64 -0.22
CA LYS A 24 -10.65 -4.12 0.16
C LYS A 24 -11.72 -3.56 -0.77
N GLY A 25 -12.10 -4.34 -1.78
CA GLY A 25 -13.10 -3.91 -2.73
C GLY A 25 -12.52 -3.09 -3.86
N SER A 26 -12.87 -1.81 -3.90
CA SER A 26 -12.39 -0.91 -4.93
C SER A 26 -11.44 0.13 -4.35
N SER A 27 -10.81 -0.20 -3.23
CA SER A 27 -9.88 0.71 -2.57
C SER A 27 -8.53 0.04 -2.36
N CYS A 28 -7.48 0.85 -2.33
CA CYS A 28 -6.12 0.34 -2.13
C CYS A 28 -5.33 1.26 -1.21
N VAL A 29 -5.13 0.82 0.03
CA VAL A 29 -4.39 1.59 1.01
C VAL A 29 -3.40 0.72 1.78
N CYS A 30 -2.30 1.31 2.21
CA CYS A 30 -1.27 0.59 2.96
C CYS A 30 -1.72 0.35 4.40
N ARG A 31 -1.59 -0.89 4.86
CA ARG A 31 -1.98 -1.24 6.22
C ARG A 31 -1.00 -2.24 6.82
N LYS A 32 -0.72 -2.08 8.11
CA LYS A 32 0.21 -2.96 8.81
C LYS A 32 -0.17 -4.43 8.60
N GLY A 1 14.24 2.70 -6.97
CA GLY A 1 13.50 1.87 -6.04
C GLY A 1 12.68 2.68 -5.06
N TYR A 2 11.36 2.69 -5.26
CA TYR A 2 10.47 3.45 -4.39
C TYR A 2 9.26 2.59 -3.98
N CYS A 3 8.63 2.96 -2.88
CA CYS A 3 7.46 2.24 -2.38
C CYS A 3 6.49 3.18 -1.68
N ALA A 4 5.30 2.68 -1.38
CA ALA A 4 4.28 3.47 -0.71
C ALA A 4 4.39 3.34 0.82
N GLU A 5 3.92 4.35 1.53
CA GLU A 5 3.97 4.33 2.99
C GLU A 5 2.57 4.17 3.57
N LYS A 6 2.50 4.10 4.90
CA LYS A 6 1.22 3.95 5.59
C LYS A 6 0.25 5.04 5.18
N GLY A 7 -0.90 4.65 4.65
CA GLY A 7 -1.89 5.62 4.23
C GLY A 7 -1.74 6.02 2.77
N ILE A 8 -0.56 5.79 2.22
CA ILE A 8 -0.29 6.13 0.83
C ILE A 8 -0.93 5.13 -0.12
N LYS A 9 -2.07 5.52 -0.69
CA LYS A 9 -2.79 4.65 -1.63
C LYS A 9 -1.88 4.21 -2.77
N CYS A 10 -1.89 2.91 -3.06
CA CYS A 10 -1.07 2.36 -4.13
C CYS A 10 -1.94 1.67 -5.18
N HIS A 11 -1.61 1.91 -6.45
CA HIS A 11 -2.37 1.31 -7.55
C HIS A 11 -1.70 0.02 -8.01
N ASN A 12 -0.41 0.08 -8.28
CA ASN A 12 0.35 -1.09 -8.73
C ASN A 12 1.66 -1.23 -7.96
N ILE A 13 1.85 -0.36 -6.97
CA ILE A 13 3.05 -0.39 -6.15
C ILE A 13 2.79 -1.02 -4.80
N HIS A 14 3.84 -1.53 -4.17
CA HIS A 14 3.72 -2.16 -2.86
C HIS A 14 4.24 -1.25 -1.76
N CYS A 15 3.75 -1.45 -0.54
CA CYS A 15 4.17 -0.64 0.60
C CYS A 15 5.53 -1.08 1.11
N CYS A 16 6.30 -0.13 1.62
CA CYS A 16 7.64 -0.41 2.15
C CYS A 16 7.58 -1.49 3.22
N SER A 17 8.75 -1.92 3.68
CA SER A 17 8.83 -2.95 4.72
C SER A 17 8.00 -2.57 5.93
N GLY A 18 7.34 -3.55 6.53
CA GLY A 18 6.53 -3.31 7.71
C GLY A 18 5.05 -3.12 7.36
N LEU A 19 4.79 -2.72 6.12
CA LEU A 19 3.43 -2.51 5.66
C LEU A 19 3.09 -3.44 4.51
N THR A 20 1.80 -3.60 4.25
CA THR A 20 1.33 -4.47 3.16
C THR A 20 0.26 -3.78 2.33
N CYS A 21 0.44 -3.79 1.01
CA CYS A 21 -0.53 -3.18 0.11
C CYS A 21 -1.82 -3.97 0.06
N LYS A 22 -2.73 -3.67 0.98
CA LYS A 22 -4.02 -4.36 1.04
C LYS A 22 -5.07 -3.62 0.23
N CYS A 23 -6.01 -4.37 -0.35
CA CYS A 23 -7.07 -3.77 -1.14
C CYS A 23 -8.41 -4.44 -0.85
N LYS A 24 -9.33 -3.69 -0.27
CA LYS A 24 -10.65 -4.21 0.07
C LYS A 24 -11.71 -3.63 -0.84
N GLY A 25 -12.05 -4.37 -1.91
CA GLY A 25 -13.07 -3.90 -2.83
C GLY A 25 -12.48 -3.04 -3.94
N SER A 26 -12.83 -1.76 -3.93
CA SER A 26 -12.35 -0.82 -4.94
C SER A 26 -11.40 0.21 -4.32
N SER A 27 -10.79 -0.17 -3.20
CA SER A 27 -9.88 0.73 -2.51
C SER A 27 -8.51 0.06 -2.29
N CYS A 28 -7.46 0.87 -2.27
CA CYS A 28 -6.11 0.36 -2.09
C CYS A 28 -5.30 1.28 -1.17
N VAL A 29 -5.10 0.83 0.06
CA VAL A 29 -4.35 1.60 1.05
C VAL A 29 -3.40 0.72 1.83
N CYS A 30 -2.28 1.29 2.27
CA CYS A 30 -1.29 0.55 3.04
C CYS A 30 -1.75 0.34 4.47
N ARG A 31 -1.70 -0.91 4.94
CA ARG A 31 -2.13 -1.23 6.29
C ARG A 31 -1.21 -2.27 6.90
N LYS A 32 -0.76 -2.03 8.13
CA LYS A 32 0.12 -2.95 8.84
C LYS A 32 -0.57 -4.29 9.08
N GLY A 1 11.29 2.98 -8.60
CA GLY A 1 12.29 2.62 -7.62
C GLY A 1 11.94 3.13 -6.23
N TYR A 2 10.66 3.08 -5.88
CA TYR A 2 10.20 3.53 -4.58
C TYR A 2 9.07 2.65 -4.06
N CYS A 3 8.57 2.99 -2.87
CA CYS A 3 7.49 2.22 -2.25
C CYS A 3 6.50 3.15 -1.56
N ALA A 4 5.29 2.63 -1.31
CA ALA A 4 4.25 3.42 -0.66
C ALA A 4 4.36 3.30 0.86
N GLU A 5 3.88 4.33 1.56
CA GLU A 5 3.93 4.33 3.01
C GLU A 5 2.53 4.15 3.60
N LYS A 6 2.44 4.12 4.93
CA LYS A 6 1.17 3.95 5.61
C LYS A 6 0.19 5.04 5.20
N GLY A 7 -0.95 4.64 4.65
CA GLY A 7 -1.96 5.59 4.23
C GLY A 7 -1.80 5.99 2.77
N ILE A 8 -0.61 5.77 2.23
CA ILE A 8 -0.34 6.12 0.84
C ILE A 8 -0.96 5.11 -0.11
N LYS A 9 -2.10 5.48 -0.70
CA LYS A 9 -2.80 4.61 -1.63
C LYS A 9 -1.88 4.18 -2.77
N CYS A 10 -1.90 2.88 -3.08
CA CYS A 10 -1.06 2.34 -4.14
C CYS A 10 -1.91 1.65 -5.20
N HIS A 11 -1.58 1.88 -6.46
CA HIS A 11 -2.32 1.28 -7.57
C HIS A 11 -1.64 -0.01 -8.03
N ASN A 12 -0.34 0.06 -8.28
CA ASN A 12 0.42 -1.10 -8.73
C ASN A 12 1.72 -1.24 -7.94
N ILE A 13 1.90 -0.37 -6.96
CA ILE A 13 3.10 -0.40 -6.12
C ILE A 13 2.82 -1.04 -4.78
N HIS A 14 3.87 -1.55 -4.14
CA HIS A 14 3.73 -2.19 -2.83
C HIS A 14 4.26 -1.27 -1.72
N CYS A 15 3.76 -1.48 -0.51
CA CYS A 15 4.18 -0.67 0.63
C CYS A 15 5.55 -1.09 1.13
N CYS A 16 6.31 -0.13 1.65
CA CYS A 16 7.66 -0.41 2.15
C CYS A 16 7.62 -1.48 3.23
N SER A 17 8.80 -1.89 3.69
CA SER A 17 8.90 -2.92 4.71
C SER A 17 8.04 -2.57 5.92
N GLY A 18 7.39 -3.59 6.49
CA GLY A 18 6.54 -3.38 7.64
C GLY A 18 5.09 -3.16 7.27
N LEU A 19 4.86 -2.68 6.06
CA LEU A 19 3.50 -2.44 5.57
C LEU A 19 3.15 -3.37 4.41
N THR A 20 1.87 -3.52 4.15
CA THR A 20 1.40 -4.38 3.07
C THR A 20 0.31 -3.70 2.25
N CYS A 21 0.43 -3.79 0.94
CA CYS A 21 -0.55 -3.18 0.04
C CYS A 21 -1.87 -3.95 0.06
N LYS A 22 -2.74 -3.59 1.00
CA LYS A 22 -4.03 -4.25 1.15
C LYS A 22 -5.08 -3.55 0.28
N CYS A 23 -6.00 -4.34 -0.26
CA CYS A 23 -7.06 -3.80 -1.11
C CYS A 23 -8.40 -4.47 -0.79
N LYS A 24 -9.34 -3.67 -0.27
CA LYS A 24 -10.66 -4.17 0.08
C LYS A 24 -11.72 -3.58 -0.84
N GLY A 25 -12.11 -4.34 -1.86
CA GLY A 25 -13.13 -3.86 -2.79
C GLY A 25 -12.55 -3.01 -3.90
N SER A 26 -12.89 -1.73 -3.89
CA SER A 26 -12.40 -0.80 -4.91
C SER A 26 -11.45 0.23 -4.30
N SER A 27 -10.83 -0.15 -3.19
CA SER A 27 -9.89 0.74 -2.50
C SER A 27 -8.54 0.06 -2.32
N CYS A 28 -7.49 0.87 -2.30
CA CYS A 28 -6.13 0.36 -2.13
C CYS A 28 -5.30 1.27 -1.23
N VAL A 29 -5.10 0.83 0.01
CA VAL A 29 -4.33 1.59 0.98
C VAL A 29 -3.38 0.71 1.77
N CYS A 30 -2.27 1.27 2.22
CA CYS A 30 -1.28 0.53 2.99
C CYS A 30 -1.76 0.30 4.42
N ARG A 31 -1.72 -0.95 4.86
CA ARG A 31 -2.15 -1.30 6.20
C ARG A 31 -1.25 -2.38 6.80
N LYS A 32 -0.80 -2.16 8.02
CA LYS A 32 0.07 -3.11 8.72
C LYS A 32 -0.58 -4.49 8.78
N GLY A 1 13.51 1.97 -7.93
CA GLY A 1 12.15 1.67 -7.54
C GLY A 1 11.82 2.16 -6.15
N TYR A 2 10.63 2.74 -6.00
CA TYR A 2 10.20 3.27 -4.71
C TYR A 2 9.06 2.43 -4.13
N CYS A 3 8.61 2.80 -2.94
CA CYS A 3 7.52 2.08 -2.28
C CYS A 3 6.58 3.07 -1.56
N ALA A 4 5.35 2.64 -1.35
CA ALA A 4 4.35 3.47 -0.68
C ALA A 4 4.45 3.33 0.84
N GLU A 5 3.96 4.32 1.56
CA GLU A 5 3.99 4.30 3.02
C GLU A 5 2.59 4.15 3.59
N LYS A 6 2.51 4.06 4.92
CA LYS A 6 1.22 3.91 5.59
C LYS A 6 0.26 5.04 5.19
N GLY A 7 -0.89 4.65 4.65
CA GLY A 7 -1.88 5.65 4.24
C GLY A 7 -1.72 6.04 2.79
N ILE A 8 -0.54 5.79 2.23
CA ILE A 8 -0.27 6.13 0.83
C ILE A 8 -0.93 5.14 -0.12
N LYS A 9 -2.05 5.53 -0.69
CA LYS A 9 -2.79 4.67 -1.62
C LYS A 9 -1.89 4.22 -2.77
N CYS A 10 -1.89 2.93 -3.05
CA CYS A 10 -1.07 2.37 -4.13
C CYS A 10 -1.95 1.69 -5.17
N HIS A 11 -1.63 1.92 -6.44
CA HIS A 11 -2.39 1.33 -7.54
C HIS A 11 -1.74 0.03 -8.01
N ASN A 12 -0.43 0.09 -8.27
CA ASN A 12 0.30 -1.08 -8.73
C ASN A 12 1.61 -1.24 -7.95
N ILE A 13 1.82 -0.37 -6.97
CA ILE A 13 3.03 -0.40 -6.16
C ILE A 13 2.76 -1.04 -4.80
N HIS A 14 3.81 -1.57 -4.18
CA HIS A 14 3.69 -2.20 -2.86
C HIS A 14 4.24 -1.29 -1.77
N CYS A 15 3.72 -1.44 -0.55
CA CYS A 15 4.16 -0.64 0.57
C CYS A 15 5.53 -1.09 1.06
N CYS A 16 6.31 -0.13 1.57
CA CYS A 16 7.65 -0.43 2.07
C CYS A 16 7.60 -1.51 3.16
N SER A 17 8.77 -1.90 3.65
CA SER A 17 8.86 -2.90 4.70
C SER A 17 8.04 -2.52 5.92
N GLY A 18 7.35 -3.48 6.49
CA GLY A 18 6.53 -3.22 7.67
C GLY A 18 5.06 -3.05 7.33
N LEU A 19 4.79 -2.58 6.11
CA LEU A 19 3.42 -2.37 5.66
C LEU A 19 3.04 -3.37 4.57
N THR A 20 1.74 -3.51 4.32
CA THR A 20 1.27 -4.42 3.30
C THR A 20 0.20 -3.77 2.43
N CYS A 21 0.44 -3.75 1.13
CA CYS A 21 -0.51 -3.15 0.18
C CYS A 21 -1.77 -4.00 0.07
N LYS A 22 -2.73 -3.75 0.95
CA LYS A 22 -3.99 -4.47 0.95
C LYS A 22 -5.06 -3.71 0.17
N CYS A 23 -5.96 -4.45 -0.46
CA CYS A 23 -7.04 -3.85 -1.24
C CYS A 23 -8.37 -4.54 -0.95
N LYS A 24 -9.30 -3.79 -0.36
CA LYS A 24 -10.62 -4.33 -0.03
C LYS A 24 -11.69 -3.71 -0.92
N GLY A 25 -12.04 -4.42 -2.00
CA GLY A 25 -13.05 -3.93 -2.91
C GLY A 25 -12.48 -3.02 -3.99
N SER A 26 -12.84 -1.75 -3.93
CA SER A 26 -12.36 -0.78 -4.91
C SER A 26 -11.45 0.25 -4.26
N SER A 27 -10.82 -0.14 -3.15
CA SER A 27 -9.92 0.73 -2.43
C SER A 27 -8.55 0.08 -2.24
N CYS A 28 -7.51 0.91 -2.21
CA CYS A 28 -6.15 0.42 -2.05
C CYS A 28 -5.35 1.34 -1.14
N VAL A 29 -5.12 0.88 0.10
CA VAL A 29 -4.36 1.66 1.07
C VAL A 29 -3.41 0.77 1.86
N CYS A 30 -2.29 1.35 2.28
CA CYS A 30 -1.29 0.61 3.05
C CYS A 30 -1.75 0.41 4.49
N ARG A 31 -1.62 -0.82 4.97
CA ARG A 31 -2.02 -1.14 6.34
C ARG A 31 -1.04 -2.12 6.97
N LYS A 32 -0.76 -1.92 8.26
CA LYS A 32 0.16 -2.79 8.98
C LYS A 32 -0.23 -4.25 8.83
N GLY A 1 13.54 0.77 -4.61
CA GLY A 1 13.87 2.17 -4.82
C GLY A 1 12.69 3.09 -4.57
N TYR A 2 11.48 2.56 -4.74
CA TYR A 2 10.27 3.35 -4.53
C TYR A 2 9.15 2.48 -3.97
N CYS A 3 8.55 2.93 -2.87
CA CYS A 3 7.46 2.20 -2.24
C CYS A 3 6.51 3.15 -1.52
N ALA A 4 5.29 2.69 -1.29
CA ALA A 4 4.28 3.50 -0.60
C ALA A 4 4.38 3.34 0.91
N GLU A 5 3.91 4.34 1.64
CA GLU A 5 3.95 4.31 3.10
C GLU A 5 2.55 4.11 3.67
N LYS A 6 2.46 4.06 4.99
CA LYS A 6 1.18 3.87 5.67
C LYS A 6 0.19 4.96 5.27
N GLY A 7 -0.94 4.55 4.70
CA GLY A 7 -1.94 5.51 4.29
C GLY A 7 -1.80 5.92 2.84
N ILE A 8 -0.60 5.72 2.28
CA ILE A 8 -0.33 6.06 0.90
C ILE A 8 -0.94 5.05 -0.05
N LYS A 9 -2.08 5.41 -0.64
CA LYS A 9 -2.79 4.53 -1.57
C LYS A 9 -1.85 4.11 -2.70
N CYS A 10 -1.91 2.83 -3.06
CA CYS A 10 -1.08 2.29 -4.13
C CYS A 10 -1.93 1.60 -5.19
N HIS A 11 -1.60 1.84 -6.45
CA HIS A 11 -2.34 1.23 -7.55
C HIS A 11 -1.66 -0.04 -8.02
N ASN A 12 -0.36 0.03 -8.28
CA ASN A 12 0.40 -1.12 -8.72
C ASN A 12 1.71 -1.25 -7.95
N ILE A 13 1.89 -0.39 -6.96
CA ILE A 13 3.09 -0.40 -6.14
C ILE A 13 2.82 -1.04 -4.79
N HIS A 14 3.88 -1.55 -4.16
CA HIS A 14 3.77 -2.19 -2.86
C HIS A 14 4.28 -1.27 -1.75
N CYS A 15 3.76 -1.46 -0.54
CA CYS A 15 4.17 -0.65 0.61
C CYS A 15 5.56 -1.06 1.09
N CYS A 16 6.32 -0.10 1.61
CA CYS A 16 7.66 -0.36 2.11
C CYS A 16 7.63 -1.44 3.18
N SER A 17 8.81 -1.85 3.63
CA SER A 17 8.94 -2.88 4.66
C SER A 17 8.11 -2.52 5.89
N GLY A 18 7.41 -3.51 6.44
CA GLY A 18 6.59 -3.28 7.61
C GLY A 18 5.14 -3.07 7.26
N LEU A 19 4.87 -2.61 6.04
CA LEU A 19 3.51 -2.37 5.59
C LEU A 19 3.15 -3.28 4.41
N THR A 20 1.86 -3.54 4.25
CA THR A 20 1.39 -4.39 3.16
C THR A 20 0.33 -3.69 2.33
N CYS A 21 0.43 -3.83 1.01
CA CYS A 21 -0.52 -3.21 0.09
C CYS A 21 -1.83 -3.98 0.07
N LYS A 22 -2.73 -3.65 0.98
CA LYS A 22 -4.03 -4.32 1.07
C LYS A 22 -5.07 -3.58 0.22
N CYS A 23 -6.02 -4.33 -0.31
CA CYS A 23 -7.08 -3.76 -1.14
C CYS A 23 -8.43 -4.36 -0.80
N LYS A 24 -9.32 -3.54 -0.26
CA LYS A 24 -10.66 -3.99 0.11
C LYS A 24 -11.72 -3.42 -0.83
N GLY A 25 -12.18 -4.25 -1.76
CA GLY A 25 -13.19 -3.81 -2.71
C GLY A 25 -12.60 -3.01 -3.86
N SER A 26 -12.92 -1.72 -3.91
CA SER A 26 -12.42 -0.85 -4.97
C SER A 26 -11.45 0.18 -4.40
N SER A 27 -10.83 -0.15 -3.28
CA SER A 27 -9.88 0.74 -2.63
C SER A 27 -8.54 0.05 -2.41
N CYS A 28 -7.47 0.85 -2.39
CA CYS A 28 -6.13 0.31 -2.19
C CYS A 28 -5.31 1.22 -1.29
N VAL A 29 -5.12 0.80 -0.04
CA VAL A 29 -4.36 1.57 0.92
C VAL A 29 -3.41 0.69 1.72
N CYS A 30 -2.31 1.27 2.18
CA CYS A 30 -1.31 0.53 2.95
C CYS A 30 -1.81 0.29 4.38
N ARG A 31 -1.65 -0.94 4.86
CA ARG A 31 -2.07 -1.29 6.20
C ARG A 31 -1.07 -2.25 6.86
N LYS A 32 -0.72 -1.95 8.10
CA LYS A 32 0.23 -2.78 8.83
C LYS A 32 -0.21 -4.25 8.83
N GLY A 1 13.33 -0.63 -4.49
CA GLY A 1 13.59 0.77 -4.77
C GLY A 1 12.51 1.68 -4.20
N TYR A 2 11.46 1.93 -4.98
CA TYR A 2 10.37 2.79 -4.54
C TYR A 2 9.27 1.97 -3.88
N CYS A 3 8.51 2.61 -3.00
CA CYS A 3 7.43 1.94 -2.29
C CYS A 3 6.53 2.95 -1.58
N ALA A 4 5.29 2.57 -1.32
CA ALA A 4 4.33 3.44 -0.65
C ALA A 4 4.43 3.30 0.87
N GLU A 5 3.96 4.31 1.58
CA GLU A 5 4.00 4.29 3.04
C GLU A 5 2.60 4.14 3.63
N LYS A 6 2.51 4.06 4.94
CA LYS A 6 1.23 3.92 5.62
C LYS A 6 0.28 5.04 5.23
N GLY A 7 -0.88 4.67 4.70
CA GLY A 7 -1.86 5.65 4.29
C GLY A 7 -1.71 6.05 2.84
N ILE A 8 -0.53 5.81 2.28
CA ILE A 8 -0.26 6.14 0.88
C ILE A 8 -0.93 5.14 -0.06
N LYS A 9 -2.05 5.53 -0.64
CA LYS A 9 -2.78 4.66 -1.57
C LYS A 9 -1.88 4.22 -2.71
N CYS A 10 -1.90 2.93 -3.01
CA CYS A 10 -1.09 2.38 -4.09
C CYS A 10 -1.96 1.70 -5.14
N HIS A 11 -1.64 1.94 -6.41
CA HIS A 11 -2.41 1.35 -7.51
C HIS A 11 -1.76 0.05 -7.98
N ASN A 12 -0.46 0.11 -8.25
CA ASN A 12 0.28 -1.08 -8.71
C ASN A 12 1.59 -1.23 -7.93
N ILE A 13 1.80 -0.37 -6.95
CA ILE A 13 3.00 -0.41 -6.14
C ILE A 13 2.73 -1.05 -4.78
N HIS A 14 3.78 -1.57 -4.15
CA HIS A 14 3.66 -2.21 -2.84
C HIS A 14 4.20 -1.30 -1.75
N CYS A 15 3.69 -1.48 -0.53
CA CYS A 15 4.13 -0.69 0.61
C CYS A 15 5.51 -1.11 1.07
N CYS A 16 6.28 -0.15 1.57
CA CYS A 16 7.64 -0.42 2.05
C CYS A 16 7.62 -1.49 3.14
N SER A 17 8.80 -1.86 3.62
CA SER A 17 8.92 -2.88 4.66
C SER A 17 8.13 -2.49 5.89
N GLY A 18 7.41 -3.46 6.45
CA GLY A 18 6.61 -3.20 7.64
C GLY A 18 5.14 -3.04 7.32
N LEU A 19 4.85 -2.55 6.11
CA LEU A 19 3.47 -2.35 5.69
C LEU A 19 3.08 -3.34 4.59
N THR A 20 1.78 -3.44 4.33
CA THR A 20 1.28 -4.35 3.30
C THR A 20 0.22 -3.68 2.45
N CYS A 21 0.41 -3.74 1.14
CA CYS A 21 -0.54 -3.14 0.20
C CYS A 21 -1.82 -3.97 0.10
N LYS A 22 -2.76 -3.70 0.99
CA LYS A 22 -4.03 -4.42 1.01
C LYS A 22 -5.08 -3.70 0.18
N CYS A 23 -5.98 -4.46 -0.43
CA CYS A 23 -7.04 -3.87 -1.24
C CYS A 23 -8.38 -4.56 -0.96
N LYS A 24 -9.32 -3.81 -0.40
CA LYS A 24 -10.64 -4.34 -0.08
C LYS A 24 -11.71 -3.73 -0.98
N GLY A 25 -12.03 -4.42 -2.07
CA GLY A 25 -13.04 -3.93 -2.99
C GLY A 25 -12.45 -3.02 -4.06
N SER A 26 -12.81 -1.74 -4.01
CA SER A 26 -12.32 -0.77 -4.98
C SER A 26 -11.41 0.24 -4.31
N SER A 27 -10.80 -0.15 -3.19
CA SER A 27 -9.90 0.72 -2.46
C SER A 27 -8.54 0.07 -2.26
N CYS A 28 -7.49 0.88 -2.26
CA CYS A 28 -6.13 0.38 -2.08
C CYS A 28 -5.32 1.32 -1.19
N VAL A 29 -5.06 0.87 0.03
CA VAL A 29 -4.29 1.66 0.99
C VAL A 29 -3.37 0.79 1.82
N CYS A 30 -2.26 1.36 2.26
CA CYS A 30 -1.28 0.62 3.07
C CYS A 30 -1.79 0.44 4.49
N ARG A 31 -1.71 -0.79 4.99
CA ARG A 31 -2.15 -1.09 6.34
C ARG A 31 -1.23 -2.11 7.00
N LYS A 32 -0.82 -1.81 8.23
CA LYS A 32 0.07 -2.70 8.97
C LYS A 32 -0.48 -4.12 9.02
N GLY A 1 13.32 1.20 -7.40
CA GLY A 1 11.92 1.58 -7.34
C GLY A 1 11.47 1.89 -5.93
N TYR A 2 10.87 3.06 -5.75
CA TYR A 2 10.38 3.47 -4.43
C TYR A 2 9.22 2.61 -3.98
N CYS A 3 8.63 2.96 -2.83
CA CYS A 3 7.50 2.21 -2.29
C CYS A 3 6.53 3.16 -1.58
N ALA A 4 5.32 2.68 -1.36
CA ALA A 4 4.29 3.47 -0.69
C ALA A 4 4.39 3.33 0.83
N GLU A 5 3.92 4.35 1.55
CA GLU A 5 3.96 4.33 3.00
C GLU A 5 2.56 4.15 3.59
N LYS A 6 2.49 4.10 4.91
CA LYS A 6 1.20 3.94 5.59
C LYS A 6 0.22 5.03 5.18
N GLY A 7 -0.92 4.62 4.63
CA GLY A 7 -1.92 5.58 4.22
C GLY A 7 -1.77 6.00 2.77
N ILE A 8 -0.58 5.77 2.22
CA ILE A 8 -0.30 6.11 0.83
C ILE A 8 -0.93 5.11 -0.13
N LYS A 9 -2.08 5.48 -0.70
CA LYS A 9 -2.78 4.61 -1.63
C LYS A 9 -1.87 4.19 -2.78
N CYS A 10 -1.86 2.89 -3.08
CA CYS A 10 -1.03 2.36 -4.14
C CYS A 10 -1.89 1.67 -5.21
N HIS A 11 -1.57 1.92 -6.48
CA HIS A 11 -2.31 1.32 -7.58
C HIS A 11 -1.64 0.04 -8.06
N ASN A 12 -0.34 0.11 -8.32
CA ASN A 12 0.43 -1.05 -8.77
C ASN A 12 1.73 -1.18 -8.00
N ILE A 13 1.92 -0.32 -7.00
CA ILE A 13 3.13 -0.35 -6.19
C ILE A 13 2.85 -1.00 -4.83
N HIS A 14 3.91 -1.50 -4.20
CA HIS A 14 3.79 -2.15 -2.90
C HIS A 14 4.28 -1.24 -1.79
N CYS A 15 3.78 -1.45 -0.58
CA CYS A 15 4.18 -0.65 0.57
C CYS A 15 5.54 -1.08 1.10
N CYS A 16 6.30 -0.12 1.64
CA CYS A 16 7.61 -0.41 2.18
C CYS A 16 7.54 -1.49 3.25
N SER A 17 8.71 -1.91 3.74
CA SER A 17 8.78 -2.94 4.77
C SER A 17 7.91 -2.58 5.96
N GLY A 18 7.26 -3.57 6.55
CA GLY A 18 6.41 -3.34 7.70
C GLY A 18 4.96 -3.14 7.31
N LEU A 19 4.73 -2.67 6.08
CA LEU A 19 3.38 -2.43 5.59
C LEU A 19 3.10 -3.28 4.36
N THR A 20 1.82 -3.62 4.16
CA THR A 20 1.41 -4.44 3.03
C THR A 20 0.31 -3.75 2.22
N CYS A 21 0.42 -3.80 0.90
CA CYS A 21 -0.56 -3.19 0.03
C CYS A 21 -1.88 -3.95 0.06
N LYS A 22 -2.73 -3.60 1.02
CA LYS A 22 -4.03 -4.25 1.16
C LYS A 22 -5.08 -3.59 0.28
N CYS A 23 -6.01 -4.38 -0.21
CA CYS A 23 -7.08 -3.88 -1.07
C CYS A 23 -8.43 -4.50 -0.71
N LYS A 24 -9.34 -3.66 -0.23
CA LYS A 24 -10.66 -4.13 0.17
C LYS A 24 -11.74 -3.56 -0.76
N GLY A 25 -12.11 -4.32 -1.77
CA GLY A 25 -13.12 -3.87 -2.72
C GLY A 25 -12.53 -3.04 -3.84
N SER A 26 -12.88 -1.76 -3.87
CA SER A 26 -12.39 -0.86 -4.91
C SER A 26 -11.44 0.18 -4.32
N SER A 27 -10.81 -0.18 -3.20
CA SER A 27 -9.88 0.72 -2.53
C SER A 27 -8.52 0.04 -2.34
N CYS A 28 -7.47 0.84 -2.29
CA CYS A 28 -6.11 0.33 -2.11
C CYS A 28 -5.31 1.23 -1.18
N VAL A 29 -5.12 0.79 0.05
CA VAL A 29 -4.36 1.56 1.04
C VAL A 29 -3.38 0.67 1.79
N CYS A 30 -2.27 1.24 2.22
CA CYS A 30 -1.24 0.51 2.96
C CYS A 30 -1.69 0.25 4.39
N ARG A 31 -1.77 -1.02 4.76
CA ARG A 31 -2.18 -1.40 6.11
C ARG A 31 -1.31 -2.52 6.65
N LYS A 32 -1.03 -2.47 7.96
CA LYS A 32 -0.20 -3.48 8.60
C LYS A 32 -0.72 -4.88 8.29
N GLY A 1 14.07 0.71 -4.60
CA GLY A 1 13.74 1.98 -5.22
C GLY A 1 12.65 2.72 -4.48
N TYR A 2 11.76 3.38 -5.21
CA TYR A 2 10.68 4.13 -4.62
C TYR A 2 9.57 3.21 -4.12
N CYS A 3 8.99 3.54 -2.97
CA CYS A 3 7.94 2.74 -2.37
C CYS A 3 6.91 3.63 -1.66
N ALA A 4 5.72 3.08 -1.44
CA ALA A 4 4.67 3.82 -0.75
C ALA A 4 4.78 3.67 0.76
N GLU A 5 4.09 4.56 1.48
CA GLU A 5 4.13 4.52 2.94
C GLU A 5 2.75 4.18 3.50
N LYS A 6 2.68 3.96 4.82
CA LYS A 6 1.44 3.63 5.47
C LYS A 6 0.36 4.67 5.17
N GLY A 7 -0.77 4.22 4.63
CA GLY A 7 -1.85 5.12 4.30
C GLY A 7 -1.77 5.62 2.87
N ILE A 8 -0.60 5.50 2.26
CA ILE A 8 -0.40 5.94 0.89
C ILE A 8 -1.03 4.95 -0.10
N LYS A 9 -2.16 5.35 -0.68
CA LYS A 9 -2.86 4.50 -1.64
C LYS A 9 -1.92 4.07 -2.76
N CYS A 10 -1.92 2.78 -3.07
CA CYS A 10 -1.06 2.24 -4.12
C CYS A 10 -1.90 1.47 -5.15
N HIS A 11 -1.58 1.69 -6.42
CA HIS A 11 -2.30 1.02 -7.50
C HIS A 11 -1.57 -0.26 -7.92
N ASN A 12 -0.28 -0.14 -8.19
CA ASN A 12 0.53 -1.28 -8.60
C ASN A 12 1.85 -1.33 -7.83
N ILE A 13 1.99 -0.42 -6.87
CA ILE A 13 3.20 -0.36 -6.06
C ILE A 13 2.96 -0.97 -4.68
N HIS A 14 4.03 -1.40 -4.02
CA HIS A 14 3.94 -2.00 -2.70
C HIS A 14 4.62 -1.11 -1.66
N CYS A 15 3.98 -0.97 -0.51
CA CYS A 15 4.51 -0.15 0.58
C CYS A 15 5.81 -0.74 1.12
N CYS A 16 6.70 0.13 1.60
CA CYS A 16 7.97 -0.31 2.14
C CYS A 16 7.77 -1.39 3.20
N SER A 17 8.87 -2.04 3.60
CA SER A 17 8.82 -3.09 4.60
C SER A 17 8.09 -2.61 5.85
N GLY A 18 7.32 -3.51 6.47
CA GLY A 18 6.59 -3.16 7.66
C GLY A 18 5.11 -2.95 7.40
N LEU A 19 4.77 -2.70 6.14
CA LEU A 19 3.38 -2.47 5.75
C LEU A 19 2.93 -3.51 4.72
N THR A 20 1.64 -3.51 4.43
CA THR A 20 1.08 -4.45 3.45
C THR A 20 0.08 -3.75 2.53
N CYS A 21 0.31 -3.85 1.23
CA CYS A 21 -0.55 -3.23 0.24
C CYS A 21 -1.81 -4.06 0.03
N LYS A 22 -2.83 -3.81 0.85
CA LYS A 22 -4.09 -4.54 0.76
C LYS A 22 -5.14 -3.71 0.03
N CYS A 23 -6.04 -4.39 -0.68
CA CYS A 23 -7.10 -3.72 -1.42
C CYS A 23 -8.46 -4.31 -1.08
N LYS A 24 -9.31 -3.51 -0.45
CA LYS A 24 -10.65 -3.95 -0.07
C LYS A 24 -11.71 -3.33 -0.98
N GLY A 25 -12.50 -4.18 -1.62
CA GLY A 25 -13.55 -3.70 -2.50
C GLY A 25 -13.00 -2.89 -3.67
N SER A 26 -13.29 -1.60 -3.69
CA SER A 26 -12.82 -0.72 -4.76
C SER A 26 -11.81 0.29 -4.22
N SER A 27 -11.13 -0.07 -3.13
CA SER A 27 -10.15 0.81 -2.53
C SER A 27 -8.81 0.09 -2.38
N CYS A 28 -7.73 0.88 -2.41
CA CYS A 28 -6.38 0.32 -2.28
C CYS A 28 -5.53 1.17 -1.34
N VAL A 29 -5.30 0.67 -0.14
CA VAL A 29 -4.50 1.39 0.85
C VAL A 29 -3.66 0.42 1.68
N CYS A 30 -2.53 0.90 2.17
CA CYS A 30 -1.63 0.08 2.97
C CYS A 30 -2.05 0.09 4.44
N ARG A 31 -1.91 -1.05 5.10
CA ARG A 31 -2.28 -1.17 6.51
C ARG A 31 -1.28 -2.05 7.26
N LYS A 32 -0.77 -1.53 8.37
CA LYS A 32 0.20 -2.26 9.17
C LYS A 32 -0.34 -3.64 9.54
N GLY A 1 13.95 0.40 -5.55
CA GLY A 1 13.22 1.27 -6.45
C GLY A 1 12.38 2.29 -5.71
N TYR A 2 11.14 1.92 -5.41
CA TYR A 2 10.23 2.82 -4.71
C TYR A 2 9.12 2.03 -4.02
N CYS A 3 8.61 2.59 -2.92
CA CYS A 3 7.55 1.94 -2.16
C CYS A 3 6.66 2.98 -1.48
N ALA A 4 5.40 2.62 -1.27
CA ALA A 4 4.44 3.52 -0.64
C ALA A 4 4.50 3.39 0.88
N GLU A 5 3.97 4.40 1.57
CA GLU A 5 3.97 4.39 3.04
C GLU A 5 2.57 4.19 3.58
N LYS A 6 2.45 4.12 4.90
CA LYS A 6 1.15 3.93 5.55
C LYS A 6 0.18 5.02 5.16
N GLY A 7 -0.97 4.63 4.61
CA GLY A 7 -1.97 5.59 4.21
C GLY A 7 -1.82 6.01 2.75
N ILE A 8 -0.63 5.79 2.20
CA ILE A 8 -0.37 6.15 0.81
C ILE A 8 -0.98 5.13 -0.14
N LYS A 9 -2.10 5.51 -0.76
CA LYS A 9 -2.80 4.64 -1.70
C LYS A 9 -1.87 4.21 -2.82
N CYS A 10 -1.86 2.91 -3.12
CA CYS A 10 -1.01 2.37 -4.18
C CYS A 10 -1.85 1.68 -5.24
N HIS A 11 -1.52 1.93 -6.51
CA HIS A 11 -2.24 1.33 -7.63
C HIS A 11 -1.56 0.04 -8.08
N ASN A 12 -0.26 0.11 -8.32
CA ASN A 12 0.50 -1.05 -8.76
C ASN A 12 1.80 -1.18 -7.97
N ILE A 13 1.97 -0.32 -6.98
CA ILE A 13 3.16 -0.35 -6.13
C ILE A 13 2.87 -1.00 -4.78
N HIS A 14 3.92 -1.51 -4.14
CA HIS A 14 3.78 -2.15 -2.84
C HIS A 14 4.27 -1.23 -1.72
N CYS A 15 3.75 -1.43 -0.52
CA CYS A 15 4.13 -0.63 0.63
C CYS A 15 5.52 -1.03 1.13
N CYS A 16 6.25 -0.07 1.67
CA CYS A 16 7.59 -0.32 2.19
C CYS A 16 7.56 -1.42 3.26
N SER A 17 8.74 -1.82 3.72
CA SER A 17 8.84 -2.85 4.73
C SER A 17 7.98 -2.51 5.95
N GLY A 18 7.32 -3.53 6.49
CA GLY A 18 6.47 -3.32 7.66
C GLY A 18 5.01 -3.19 7.28
N LEU A 19 4.75 -2.68 6.08
CA LEU A 19 3.39 -2.50 5.61
C LEU A 19 3.11 -3.37 4.38
N THR A 20 1.83 -3.59 4.09
CA THR A 20 1.43 -4.41 2.95
C THR A 20 0.33 -3.73 2.15
N CYS A 21 0.44 -3.79 0.83
CA CYS A 21 -0.55 -3.19 -0.06
C CYS A 21 -1.86 -3.96 0.00
N LYS A 22 -2.72 -3.62 0.95
CA LYS A 22 -4.01 -4.28 1.09
C LYS A 22 -5.07 -3.62 0.22
N CYS A 23 -6.01 -4.41 -0.27
CA CYS A 23 -7.07 -3.90 -1.12
C CYS A 23 -8.42 -4.54 -0.76
N LYS A 24 -9.34 -3.72 -0.26
CA LYS A 24 -10.66 -4.20 0.12
C LYS A 24 -11.73 -3.60 -0.76
N GLY A 25 -12.13 -4.36 -1.78
CA GLY A 25 -13.17 -3.88 -2.69
C GLY A 25 -12.60 -3.04 -3.81
N SER A 26 -12.95 -1.75 -3.81
CA SER A 26 -12.46 -0.83 -4.84
C SER A 26 -11.52 0.20 -4.24
N SER A 27 -10.88 -0.16 -3.13
CA SER A 27 -9.94 0.74 -2.46
C SER A 27 -8.59 0.08 -2.28
N CYS A 28 -7.54 0.89 -2.24
CA CYS A 28 -6.18 0.38 -2.07
C CYS A 28 -5.37 1.27 -1.14
N VAL A 29 -5.16 0.81 0.09
CA VAL A 29 -4.41 1.57 1.07
C VAL A 29 -3.43 0.67 1.83
N CYS A 30 -2.32 1.24 2.26
CA CYS A 30 -1.31 0.50 2.99
C CYS A 30 -1.75 0.25 4.43
N ARG A 31 -1.81 -1.02 4.82
CA ARG A 31 -2.22 -1.40 6.16
C ARG A 31 -1.31 -2.51 6.72
N LYS A 32 -1.00 -2.40 8.00
CA LYS A 32 -0.14 -3.37 8.66
C LYS A 32 -0.65 -4.80 8.44
N GLY A 1 13.51 0.90 -6.99
CA GLY A 1 12.80 2.15 -7.24
C GLY A 1 12.32 2.80 -5.96
N TYR A 2 11.03 2.62 -5.66
CA TYR A 2 10.45 3.21 -4.45
C TYR A 2 9.25 2.38 -3.97
N CYS A 3 8.64 2.82 -2.88
CA CYS A 3 7.49 2.11 -2.31
C CYS A 3 6.55 3.09 -1.62
N ALA A 4 5.34 2.63 -1.34
CA ALA A 4 4.34 3.46 -0.67
C ALA A 4 4.44 3.33 0.85
N GLU A 5 3.98 4.35 1.56
CA GLU A 5 4.02 4.34 3.02
C GLU A 5 2.63 4.14 3.60
N LYS A 6 2.54 4.11 4.92
CA LYS A 6 1.27 3.93 5.61
C LYS A 6 0.28 5.01 5.22
N GLY A 7 -0.86 4.61 4.69
CA GLY A 7 -1.88 5.57 4.27
C GLY A 7 -1.74 5.98 2.83
N ILE A 8 -0.56 5.77 2.26
CA ILE A 8 -0.30 6.12 0.87
C ILE A 8 -0.92 5.12 -0.08
N LYS A 9 -2.06 5.49 -0.66
CA LYS A 9 -2.76 4.62 -1.59
C LYS A 9 -1.85 4.19 -2.74
N CYS A 10 -1.86 2.90 -3.04
CA CYS A 10 -1.03 2.36 -4.12
C CYS A 10 -1.89 1.69 -5.18
N HIS A 11 -1.55 1.94 -6.45
CA HIS A 11 -2.29 1.36 -7.55
C HIS A 11 -1.63 0.07 -8.04
N ASN A 12 -0.33 0.13 -8.29
CA ASN A 12 0.42 -1.02 -8.75
C ASN A 12 1.72 -1.19 -7.97
N ILE A 13 1.91 -0.33 -6.97
CA ILE A 13 3.11 -0.37 -6.14
C ILE A 13 2.83 -1.03 -4.80
N HIS A 14 3.88 -1.54 -4.17
CA HIS A 14 3.75 -2.19 -2.87
C HIS A 14 4.28 -1.30 -1.75
N CYS A 15 3.74 -1.46 -0.56
CA CYS A 15 4.15 -0.67 0.59
C CYS A 15 5.53 -1.10 1.08
N CYS A 16 6.29 -0.15 1.62
CA CYS A 16 7.63 -0.42 2.11
C CYS A 16 7.59 -1.51 3.19
N SER A 17 8.77 -1.86 3.71
CA SER A 17 8.87 -2.88 4.74
C SER A 17 8.03 -2.51 5.96
N GLY A 18 7.35 -3.49 6.53
CA GLY A 18 6.52 -3.24 7.69
C GLY A 18 5.06 -3.04 7.33
N LEU A 19 4.81 -2.60 6.11
CA LEU A 19 3.45 -2.37 5.64
C LEU A 19 3.11 -3.28 4.47
N THR A 20 1.82 -3.52 4.26
CA THR A 20 1.36 -4.37 3.17
C THR A 20 0.30 -3.67 2.34
N CYS A 21 0.40 -3.81 1.02
CA CYS A 21 -0.55 -3.20 0.10
C CYS A 21 -1.85 -4.00 0.04
N LYS A 22 -2.77 -3.70 0.96
CA LYS A 22 -4.05 -4.39 1.01
C LYS A 22 -5.11 -3.62 0.22
N CYS A 23 -6.04 -4.36 -0.39
CA CYS A 23 -7.10 -3.75 -1.16
C CYS A 23 -8.44 -4.45 -0.89
N LYS A 24 -9.36 -3.71 -0.28
CA LYS A 24 -10.69 -4.26 0.03
C LYS A 24 -11.76 -3.64 -0.87
N GLY A 25 -12.18 -4.40 -1.88
CA GLY A 25 -13.19 -3.91 -2.79
C GLY A 25 -12.61 -3.04 -3.89
N SER A 26 -12.95 -1.76 -3.87
CA SER A 26 -12.47 -0.83 -4.88
C SER A 26 -11.52 0.19 -4.26
N SER A 27 -10.90 -0.18 -3.15
CA SER A 27 -9.96 0.70 -2.46
C SER A 27 -8.61 0.02 -2.27
N CYS A 28 -7.55 0.82 -2.29
CA CYS A 28 -6.20 0.30 -2.12
C CYS A 28 -5.36 1.22 -1.24
N VAL A 29 -5.14 0.81 0.00
CA VAL A 29 -4.36 1.59 0.94
C VAL A 29 -3.40 0.71 1.73
N CYS A 30 -2.29 1.29 2.17
CA CYS A 30 -1.29 0.56 2.93
C CYS A 30 -1.75 0.35 4.37
N ARG A 31 -1.71 -0.89 4.83
CA ARG A 31 -2.13 -1.23 6.19
C ARG A 31 -1.22 -2.30 6.78
N LYS A 32 -0.84 -2.11 8.04
CA LYS A 32 0.03 -3.06 8.74
C LYS A 32 -0.54 -4.47 8.65
N GLY A 1 14.39 2.54 -6.66
CA GLY A 1 13.97 2.07 -5.35
C GLY A 1 12.97 3.01 -4.70
N TYR A 2 11.69 2.66 -4.82
CA TYR A 2 10.63 3.47 -4.24
C TYR A 2 9.41 2.62 -3.88
N CYS A 3 8.71 3.02 -2.84
CA CYS A 3 7.52 2.29 -2.39
C CYS A 3 6.55 3.21 -1.66
N ALA A 4 5.35 2.72 -1.40
CA ALA A 4 4.33 3.50 -0.71
C ALA A 4 4.44 3.32 0.80
N GLU A 5 3.96 4.31 1.55
CA GLU A 5 4.00 4.26 3.00
C GLU A 5 2.60 4.09 3.58
N LYS A 6 2.52 3.99 4.91
CA LYS A 6 1.24 3.83 5.59
C LYS A 6 0.28 4.94 5.20
N GLY A 7 -0.87 4.57 4.67
CA GLY A 7 -1.87 5.54 4.27
C GLY A 7 -1.72 5.95 2.81
N ILE A 8 -0.53 5.72 2.25
CA ILE A 8 -0.27 6.08 0.86
C ILE A 8 -0.93 5.08 -0.09
N LYS A 9 -2.04 5.48 -0.70
CA LYS A 9 -2.76 4.63 -1.63
C LYS A 9 -1.85 4.20 -2.78
N CYS A 10 -1.86 2.91 -3.08
CA CYS A 10 -1.04 2.37 -4.16
C CYS A 10 -1.91 1.68 -5.21
N HIS A 11 -1.60 1.93 -6.48
CA HIS A 11 -2.35 1.33 -7.58
C HIS A 11 -1.68 0.04 -8.06
N ASN A 12 -0.39 0.11 -8.33
CA ASN A 12 0.37 -1.05 -8.79
C ASN A 12 1.68 -1.19 -8.02
N ILE A 13 1.87 -0.33 -7.04
CA ILE A 13 3.09 -0.36 -6.22
C ILE A 13 2.82 -1.00 -4.86
N HIS A 14 3.88 -1.52 -4.24
CA HIS A 14 3.77 -2.15 -2.94
C HIS A 14 4.27 -1.23 -1.83
N CYS A 15 3.76 -1.43 -0.62
CA CYS A 15 4.15 -0.62 0.52
C CYS A 15 5.51 -1.07 1.06
N CYS A 16 6.28 -0.11 1.58
CA CYS A 16 7.59 -0.40 2.13
C CYS A 16 7.50 -1.47 3.22
N SER A 17 8.66 -1.89 3.73
CA SER A 17 8.71 -2.90 4.77
C SER A 17 7.87 -2.48 5.98
N GLY A 18 7.25 -3.46 6.63
CA GLY A 18 6.43 -3.18 7.79
C GLY A 18 4.96 -3.01 7.44
N LEU A 19 4.69 -2.65 6.18
CA LEU A 19 3.32 -2.46 5.72
C LEU A 19 2.98 -3.44 4.60
N THR A 20 1.69 -3.59 4.32
CA THR A 20 1.23 -4.49 3.28
C THR A 20 0.19 -3.82 2.39
N CYS A 21 0.47 -3.79 1.09
CA CYS A 21 -0.46 -3.17 0.13
C CYS A 21 -1.71 -4.02 -0.04
N LYS A 22 -2.70 -3.79 0.82
CA LYS A 22 -3.96 -4.54 0.77
C LYS A 22 -5.05 -3.70 0.12
N CYS A 23 -5.97 -4.36 -0.57
CA CYS A 23 -7.08 -3.68 -1.22
C CYS A 23 -8.41 -4.35 -0.88
N LYS A 24 -9.26 -3.61 -0.17
CA LYS A 24 -10.56 -4.12 0.23
C LYS A 24 -11.66 -3.56 -0.68
N GLY A 25 -12.04 -4.33 -1.70
CA GLY A 25 -13.08 -3.90 -2.61
C GLY A 25 -12.52 -3.06 -3.75
N SER A 26 -12.89 -1.78 -3.77
CA SER A 26 -12.43 -0.87 -4.82
C SER A 26 -11.47 0.16 -4.26
N SER A 27 -10.82 -0.18 -3.15
CA SER A 27 -9.87 0.73 -2.51
C SER A 27 -8.52 0.07 -2.34
N CYS A 28 -7.46 0.87 -2.33
CA CYS A 28 -6.11 0.35 -2.16
C CYS A 28 -5.28 1.28 -1.26
N VAL A 29 -5.06 0.82 -0.03
CA VAL A 29 -4.28 1.61 0.93
C VAL A 29 -3.37 0.71 1.77
N CYS A 30 -2.25 1.26 2.22
CA CYS A 30 -1.30 0.50 3.02
C CYS A 30 -1.81 0.34 4.45
N ARG A 31 -1.68 -0.87 4.97
CA ARG A 31 -2.13 -1.17 6.33
C ARG A 31 -1.16 -2.12 7.03
N LYS A 32 -0.81 -1.80 8.27
CA LYS A 32 0.10 -2.61 9.05
C LYS A 32 -0.44 -4.04 9.22
N GLY A 1 14.03 1.42 -6.09
CA GLY A 1 14.01 2.12 -4.82
C GLY A 1 12.80 3.03 -4.67
N TYR A 2 11.62 2.43 -4.67
CA TYR A 2 10.39 3.20 -4.54
C TYR A 2 9.29 2.36 -3.91
N CYS A 3 8.69 2.86 -2.83
CA CYS A 3 7.64 2.17 -2.13
C CYS A 3 6.69 3.15 -1.44
N ALA A 4 5.43 2.75 -1.28
CA ALA A 4 4.44 3.59 -0.63
C ALA A 4 4.48 3.42 0.89
N GLU A 5 3.95 4.42 1.60
CA GLU A 5 3.93 4.37 3.06
C GLU A 5 2.51 4.17 3.57
N LYS A 6 2.38 4.07 4.89
CA LYS A 6 1.07 3.87 5.52
C LYS A 6 0.10 4.97 5.11
N GLY A 7 -1.03 4.57 4.53
CA GLY A 7 -2.03 5.53 4.10
C GLY A 7 -1.85 5.93 2.65
N ILE A 8 -0.65 5.73 2.11
CA ILE A 8 -0.35 6.07 0.73
C ILE A 8 -0.96 5.06 -0.24
N LYS A 9 -2.05 5.46 -0.87
CA LYS A 9 -2.74 4.60 -1.83
C LYS A 9 -1.80 4.17 -2.95
N CYS A 10 -1.78 2.87 -3.23
CA CYS A 10 -0.93 2.33 -4.28
C CYS A 10 -1.76 1.63 -5.36
N HIS A 11 -1.41 1.86 -6.62
CA HIS A 11 -2.12 1.24 -7.73
C HIS A 11 -1.43 -0.04 -8.18
N ASN A 12 -0.12 0.05 -8.41
CA ASN A 12 0.66 -1.11 -8.84
C ASN A 12 1.95 -1.22 -8.03
N ILE A 13 2.10 -0.35 -7.04
CA ILE A 13 3.29 -0.35 -6.19
C ILE A 13 3.00 -0.99 -4.84
N HIS A 14 4.05 -1.49 -4.19
CA HIS A 14 3.91 -2.12 -2.89
C HIS A 14 4.37 -1.18 -1.77
N CYS A 15 3.85 -1.40 -0.56
CA CYS A 15 4.19 -0.57 0.58
C CYS A 15 5.56 -0.97 1.15
N CYS A 16 6.27 -0.01 1.70
CA CYS A 16 7.59 -0.25 2.28
C CYS A 16 7.52 -1.37 3.32
N SER A 17 8.68 -1.79 3.81
CA SER A 17 8.75 -2.86 4.81
C SER A 17 7.85 -2.53 6.00
N GLY A 18 7.22 -3.57 6.54
CA GLY A 18 6.33 -3.38 7.68
C GLY A 18 4.88 -3.21 7.27
N LEU A 19 4.66 -2.70 6.06
CA LEU A 19 3.32 -2.50 5.55
C LEU A 19 3.06 -3.35 4.31
N THR A 20 1.79 -3.67 4.07
CA THR A 20 1.41 -4.49 2.92
C THR A 20 0.32 -3.82 2.11
N CYS A 21 0.46 -3.83 0.79
CA CYS A 21 -0.53 -3.22 -0.09
C CYS A 21 -1.84 -4.01 -0.08
N LYS A 22 -2.70 -3.68 0.87
CA LYS A 22 -3.99 -4.35 1.00
C LYS A 22 -5.07 -3.63 0.20
N CYS A 23 -6.03 -4.39 -0.33
CA CYS A 23 -7.11 -3.82 -1.12
C CYS A 23 -8.44 -4.47 -0.75
N LYS A 24 -9.35 -3.67 -0.20
CA LYS A 24 -10.67 -4.16 0.19
C LYS A 24 -11.76 -3.56 -0.69
N GLY A 25 -12.19 -4.32 -1.69
CA GLY A 25 -13.23 -3.86 -2.58
C GLY A 25 -12.68 -2.97 -3.69
N SER A 26 -13.05 -1.69 -3.65
CA SER A 26 -12.59 -0.74 -4.67
C SER A 26 -11.63 0.28 -4.05
N SER A 27 -10.99 -0.10 -2.96
CA SER A 27 -10.04 0.78 -2.29
C SER A 27 -8.68 0.11 -2.14
N CYS A 28 -7.64 0.93 -2.08
CA CYS A 28 -6.28 0.43 -1.95
C CYS A 28 -5.46 1.29 -0.99
N VAL A 29 -5.24 0.78 0.22
CA VAL A 29 -4.48 1.51 1.22
C VAL A 29 -3.43 0.61 1.87
N CYS A 30 -2.32 1.22 2.30
CA CYS A 30 -1.23 0.48 2.93
C CYS A 30 -1.58 0.14 4.37
N ARG A 31 -1.80 -1.15 4.63
CA ARG A 31 -2.14 -1.60 5.98
C ARG A 31 -1.30 -2.82 6.37
N LYS A 32 -0.95 -2.90 7.65
CA LYS A 32 -0.14 -4.01 8.16
C LYS A 32 -0.86 -5.33 7.95
N GLY A 1 13.85 4.24 -8.23
CA GLY A 1 12.90 3.40 -7.52
C GLY A 1 12.34 4.07 -6.28
N TYR A 2 11.07 3.82 -6.00
CA TYR A 2 10.41 4.42 -4.84
C TYR A 2 9.38 3.46 -4.26
N CYS A 3 8.95 3.74 -3.03
CA CYS A 3 7.97 2.91 -2.35
C CYS A 3 6.93 3.76 -1.64
N ALA A 4 5.75 3.19 -1.41
CA ALA A 4 4.67 3.90 -0.74
C ALA A 4 4.77 3.77 0.77
N GLU A 5 4.11 4.66 1.48
CA GLU A 5 4.13 4.66 2.95
C GLU A 5 2.77 4.31 3.52
N LYS A 6 2.72 4.07 4.82
CA LYS A 6 1.46 3.72 5.49
C LYS A 6 0.39 4.76 5.19
N GLY A 7 -0.72 4.31 4.62
CA GLY A 7 -1.81 5.21 4.29
C GLY A 7 -1.76 5.69 2.86
N ILE A 8 -0.60 5.57 2.23
CA ILE A 8 -0.42 6.00 0.85
C ILE A 8 -1.05 5.00 -0.11
N LYS A 9 -2.19 5.38 -0.69
CA LYS A 9 -2.90 4.52 -1.63
C LYS A 9 -1.96 4.08 -2.76
N CYS A 10 -1.93 2.77 -3.01
CA CYS A 10 -1.09 2.21 -4.06
C CYS A 10 -1.92 1.46 -5.09
N HIS A 11 -1.60 1.67 -6.37
CA HIS A 11 -2.32 1.03 -7.45
C HIS A 11 -1.62 -0.27 -7.87
N ASN A 12 -0.32 -0.17 -8.13
CA ASN A 12 0.47 -1.32 -8.54
C ASN A 12 1.77 -1.40 -7.76
N ILE A 13 1.93 -0.50 -6.79
CA ILE A 13 3.13 -0.47 -5.97
C ILE A 13 2.88 -1.07 -4.60
N HIS A 14 3.94 -1.53 -3.95
CA HIS A 14 3.83 -2.13 -2.62
C HIS A 14 4.58 -1.30 -1.59
N CYS A 15 3.90 -0.93 -0.52
CA CYS A 15 4.49 -0.13 0.55
C CYS A 15 5.78 -0.78 1.06
N CYS A 16 6.72 0.04 1.49
CA CYS A 16 7.99 -0.45 2.01
C CYS A 16 7.78 -1.49 3.10
N SER A 17 8.86 -2.14 3.52
CA SER A 17 8.78 -3.16 4.57
C SER A 17 8.06 -2.62 5.80
N GLY A 18 7.28 -3.48 6.44
CA GLY A 18 6.54 -3.08 7.62
C GLY A 18 5.06 -2.88 7.34
N LEU A 19 4.72 -2.69 6.08
CA LEU A 19 3.32 -2.49 5.68
C LEU A 19 2.91 -3.50 4.62
N THR A 20 1.60 -3.64 4.43
CA THR A 20 1.07 -4.57 3.44
C THR A 20 0.05 -3.89 2.53
N CYS A 21 0.33 -3.85 1.24
CA CYS A 21 -0.55 -3.23 0.27
C CYS A 21 -1.83 -4.05 0.09
N LYS A 22 -2.82 -3.79 0.94
CA LYS A 22 -4.08 -4.52 0.88
C LYS A 22 -5.11 -3.75 0.05
N CYS A 23 -5.99 -4.47 -0.62
CA CYS A 23 -7.02 -3.86 -1.45
C CYS A 23 -8.40 -4.43 -1.13
N LYS A 24 -9.28 -3.60 -0.60
CA LYS A 24 -10.63 -4.03 -0.25
C LYS A 24 -11.66 -3.38 -1.17
N GLY A 25 -12.51 -4.20 -1.79
CA GLY A 25 -13.53 -3.68 -2.67
C GLY A 25 -12.95 -2.84 -3.79
N SER A 26 -13.24 -1.54 -3.78
CA SER A 26 -12.74 -0.64 -4.81
C SER A 26 -11.74 0.35 -4.22
N SER A 27 -11.10 -0.04 -3.13
CA SER A 27 -10.11 0.81 -2.47
C SER A 27 -8.78 0.09 -2.32
N CYS A 28 -7.70 0.86 -2.29
CA CYS A 28 -6.37 0.30 -2.16
C CYS A 28 -5.51 1.16 -1.24
N VAL A 29 -5.29 0.67 -0.01
CA VAL A 29 -4.48 1.38 0.97
C VAL A 29 -3.58 0.43 1.74
N CYS A 30 -2.45 0.93 2.21
CA CYS A 30 -1.51 0.12 2.98
C CYS A 30 -1.90 0.09 4.45
N ARG A 31 -1.55 -1.01 5.12
CA ARG A 31 -1.86 -1.17 6.54
C ARG A 31 -0.69 -1.83 7.27
N LYS A 32 -0.34 -1.27 8.43
CA LYS A 32 0.74 -1.79 9.23
C LYS A 32 0.28 -2.97 10.08
N GLY A 1 14.65 1.52 -4.17
CA GLY A 1 13.44 0.74 -4.06
C GLY A 1 12.23 1.59 -3.70
N TYR A 2 11.55 2.11 -4.72
CA TYR A 2 10.38 2.95 -4.51
C TYR A 2 9.23 2.13 -3.92
N CYS A 3 8.58 2.68 -2.90
CA CYS A 3 7.46 2.01 -2.26
C CYS A 3 6.55 3.01 -1.55
N ALA A 4 5.31 2.62 -1.31
CA ALA A 4 4.35 3.48 -0.64
C ALA A 4 4.44 3.33 0.87
N GLU A 5 3.94 4.33 1.60
CA GLU A 5 3.98 4.31 3.05
C GLU A 5 2.56 4.15 3.62
N LYS A 6 2.48 4.02 4.94
CA LYS A 6 1.20 3.86 5.62
C LYS A 6 0.24 4.98 5.23
N GLY A 7 -0.92 4.60 4.68
CA GLY A 7 -1.91 5.58 4.27
C GLY A 7 -1.75 5.99 2.83
N ILE A 8 -0.57 5.76 2.26
CA ILE A 8 -0.29 6.11 0.88
C ILE A 8 -0.94 5.11 -0.08
N LYS A 9 -2.06 5.51 -0.67
CA LYS A 9 -2.78 4.65 -1.61
C LYS A 9 -1.87 4.22 -2.75
N CYS A 10 -1.89 2.93 -3.06
CA CYS A 10 -1.06 2.38 -4.13
C CYS A 10 -1.93 1.71 -5.19
N HIS A 11 -1.60 1.96 -6.46
CA HIS A 11 -2.35 1.37 -7.57
C HIS A 11 -1.69 0.08 -8.04
N ASN A 12 -0.39 0.14 -8.29
CA ASN A 12 0.36 -1.03 -8.76
C ASN A 12 1.66 -1.19 -7.98
N ILE A 13 1.85 -0.33 -6.98
CA ILE A 13 3.06 -0.37 -6.17
C ILE A 13 2.78 -1.02 -4.81
N HIS A 14 3.83 -1.54 -4.19
CA HIS A 14 3.70 -2.19 -2.88
C HIS A 14 4.24 -1.29 -1.77
N CYS A 15 3.72 -1.46 -0.56
CA CYS A 15 4.14 -0.67 0.58
C CYS A 15 5.53 -1.11 1.05
N CYS A 16 6.29 -0.16 1.59
CA CYS A 16 7.63 -0.45 2.08
C CYS A 16 7.60 -1.50 3.18
N SER A 17 8.77 -1.88 3.67
CA SER A 17 8.87 -2.89 4.71
C SER A 17 8.06 -2.49 5.94
N GLY A 18 7.37 -3.46 6.53
CA GLY A 18 6.57 -3.18 7.71
C GLY A 18 5.10 -3.01 7.37
N LEU A 19 4.82 -2.60 6.14
CA LEU A 19 3.45 -2.38 5.70
C LEU A 19 3.08 -3.36 4.58
N THR A 20 1.78 -3.48 4.31
CA THR A 20 1.30 -4.36 3.26
C THR A 20 0.25 -3.68 2.40
N CYS A 21 0.43 -3.78 1.08
CA CYS A 21 -0.50 -3.17 0.15
C CYS A 21 -1.76 -4.01 0.00
N LYS A 22 -2.73 -3.76 0.88
CA LYS A 22 -3.99 -4.50 0.86
C LYS A 22 -5.07 -3.69 0.15
N CYS A 23 -6.00 -4.39 -0.51
CA CYS A 23 -7.09 -3.73 -1.22
C CYS A 23 -8.42 -4.40 -0.90
N LYS A 24 -9.30 -3.66 -0.23
CA LYS A 24 -10.61 -4.18 0.14
C LYS A 24 -11.70 -3.60 -0.76
N GLY A 25 -12.07 -4.36 -1.79
CA GLY A 25 -13.10 -3.90 -2.71
C GLY A 25 -12.54 -3.07 -3.84
N SER A 26 -12.88 -1.79 -3.86
CA SER A 26 -12.40 -0.89 -4.91
C SER A 26 -11.44 0.16 -4.34
N SER A 27 -10.82 -0.19 -3.21
CA SER A 27 -9.88 0.73 -2.56
C SER A 27 -8.52 0.06 -2.36
N CYS A 28 -7.47 0.87 -2.35
CA CYS A 28 -6.11 0.35 -2.16
C CYS A 28 -5.30 1.28 -1.27
N VAL A 29 -5.09 0.84 -0.02
CA VAL A 29 -4.33 1.63 0.94
C VAL A 29 -3.40 0.74 1.75
N CYS A 30 -2.29 1.31 2.22
CA CYS A 30 -1.32 0.57 3.01
C CYS A 30 -1.82 0.37 4.44
N ARG A 31 -1.81 -0.88 4.89
CA ARG A 31 -2.26 -1.19 6.24
C ARG A 31 -1.37 -2.26 6.87
N LYS A 32 -0.93 -2.01 8.10
CA LYS A 32 -0.08 -2.96 8.81
C LYS A 32 -0.87 -4.16 9.31
N GLY A 1 14.14 2.54 -7.50
CA GLY A 1 12.72 2.37 -7.34
C GLY A 1 12.18 3.06 -6.10
N TYR A 2 10.99 2.67 -5.67
CA TYR A 2 10.36 3.27 -4.50
C TYR A 2 9.17 2.43 -4.04
N CYS A 3 8.58 2.83 -2.91
CA CYS A 3 7.43 2.13 -2.36
C CYS A 3 6.49 3.10 -1.65
N ALA A 4 5.27 2.63 -1.37
CA ALA A 4 4.27 3.46 -0.70
C ALA A 4 4.39 3.33 0.81
N GLU A 5 3.93 4.35 1.52
CA GLU A 5 3.99 4.34 2.99
C GLU A 5 2.59 4.16 3.59
N LYS A 6 2.53 4.13 4.92
CA LYS A 6 1.26 3.96 5.61
C LYS A 6 0.27 5.04 5.22
N GLY A 7 -0.87 4.64 4.67
CA GLY A 7 -1.88 5.59 4.26
C GLY A 7 -1.74 6.00 2.81
N ILE A 8 -0.56 5.79 2.25
CA ILE A 8 -0.30 6.13 0.86
C ILE A 8 -0.93 5.12 -0.09
N LYS A 9 -2.07 5.50 -0.67
CA LYS A 9 -2.78 4.63 -1.60
C LYS A 9 -1.86 4.19 -2.74
N CYS A 10 -1.87 2.90 -3.05
CA CYS A 10 -1.04 2.36 -4.12
C CYS A 10 -1.90 1.69 -5.18
N HIS A 11 -1.58 1.94 -6.45
CA HIS A 11 -2.32 1.36 -7.56
C HIS A 11 -1.66 0.07 -8.04
N ASN A 12 -0.36 0.14 -8.29
CA ASN A 12 0.39 -1.02 -8.76
C ASN A 12 1.70 -1.17 -7.99
N ILE A 13 1.89 -0.31 -6.98
CA ILE A 13 3.10 -0.36 -6.16
C ILE A 13 2.82 -1.00 -4.82
N HIS A 14 3.88 -1.52 -4.19
CA HIS A 14 3.75 -2.18 -2.89
C HIS A 14 4.27 -1.27 -1.78
N CYS A 15 3.77 -1.47 -0.57
CA CYS A 15 4.17 -0.67 0.58
C CYS A 15 5.55 -1.10 1.09
N CYS A 16 6.30 -0.15 1.61
CA CYS A 16 7.64 -0.42 2.13
C CYS A 16 7.58 -1.50 3.22
N SER A 17 8.76 -1.87 3.73
CA SER A 17 8.85 -2.89 4.76
C SER A 17 8.01 -2.51 5.98
N GLY A 18 7.34 -3.49 6.57
CA GLY A 18 6.51 -3.23 7.73
C GLY A 18 5.05 -3.06 7.38
N LEU A 19 4.78 -2.69 6.12
CA LEU A 19 3.41 -2.49 5.66
C LEU A 19 3.10 -3.40 4.47
N THR A 20 1.82 -3.57 4.18
CA THR A 20 1.39 -4.40 3.06
C THR A 20 0.28 -3.73 2.26
N CYS A 21 0.40 -3.78 0.94
CA CYS A 21 -0.59 -3.17 0.05
C CYS A 21 -1.91 -3.94 0.10
N LYS A 22 -2.76 -3.57 1.06
CA LYS A 22 -4.05 -4.22 1.21
C LYS A 22 -5.09 -3.61 0.27
N CYS A 23 -6.00 -4.44 -0.21
CA CYS A 23 -7.04 -3.98 -1.12
C CYS A 23 -8.39 -4.60 -0.76
N LYS A 24 -9.34 -3.76 -0.36
CA LYS A 24 -10.68 -4.23 0.02
C LYS A 24 -11.73 -3.60 -0.88
N GLY A 25 -12.14 -4.35 -1.91
CA GLY A 25 -13.15 -3.86 -2.83
C GLY A 25 -12.56 -3.00 -3.93
N SER A 26 -12.88 -1.72 -3.92
CA SER A 26 -12.39 -0.79 -4.92
C SER A 26 -11.44 0.23 -4.31
N SER A 27 -10.83 -0.15 -3.19
CA SER A 27 -9.88 0.73 -2.49
C SER A 27 -8.54 0.05 -2.29
N CYS A 28 -7.48 0.84 -2.29
CA CYS A 28 -6.13 0.30 -2.10
C CYS A 28 -5.30 1.22 -1.20
N VAL A 29 -5.10 0.78 0.05
CA VAL A 29 -4.33 1.57 1.00
C VAL A 29 -3.37 0.67 1.79
N CYS A 30 -2.25 1.25 2.24
CA CYS A 30 -1.26 0.52 3.00
C CYS A 30 -1.73 0.29 4.43
N ARG A 31 -1.46 -0.89 4.96
CA ARG A 31 -1.85 -1.23 6.33
C ARG A 31 -0.77 -2.06 7.01
N LYS A 32 -0.50 -1.74 8.27
CA LYS A 32 0.51 -2.45 9.05
C LYS A 32 0.27 -3.96 9.00
N GLY A 1 14.64 2.58 -6.65
CA GLY A 1 13.62 1.95 -5.82
C GLY A 1 12.52 2.92 -5.41
N TYR A 2 11.34 2.39 -5.15
CA TYR A 2 10.21 3.21 -4.74
C TYR A 2 9.10 2.36 -4.13
N CYS A 3 8.49 2.86 -3.07
CA CYS A 3 7.41 2.15 -2.40
C CYS A 3 6.48 3.12 -1.68
N ALA A 4 5.27 2.66 -1.39
CA ALA A 4 4.28 3.49 -0.70
C ALA A 4 4.41 3.36 0.81
N GLU A 5 3.99 4.38 1.53
CA GLU A 5 4.05 4.38 2.98
C GLU A 5 2.67 4.17 3.60
N LYS A 6 2.61 4.13 4.93
CA LYS A 6 1.35 3.95 5.63
C LYS A 6 0.34 5.03 5.25
N GLY A 7 -0.80 4.61 4.72
CA GLY A 7 -1.82 5.55 4.32
C GLY A 7 -1.70 5.96 2.87
N ILE A 8 -0.52 5.75 2.29
CA ILE A 8 -0.27 6.11 0.90
C ILE A 8 -0.91 5.10 -0.04
N LYS A 9 -2.05 5.46 -0.61
CA LYS A 9 -2.75 4.58 -1.54
C LYS A 9 -1.83 4.15 -2.68
N CYS A 10 -1.90 2.87 -3.03
CA CYS A 10 -1.08 2.33 -4.11
C CYS A 10 -1.94 1.65 -5.17
N HIS A 11 -1.62 1.90 -6.43
CA HIS A 11 -2.37 1.31 -7.54
C HIS A 11 -1.71 0.01 -8.02
N ASN A 12 -0.41 0.08 -8.28
CA ASN A 12 0.35 -1.07 -8.74
C ASN A 12 1.66 -1.22 -7.98
N ILE A 13 1.85 -0.36 -6.98
CA ILE A 13 3.06 -0.39 -6.17
C ILE A 13 2.80 -1.04 -4.81
N HIS A 14 3.85 -1.55 -4.20
CA HIS A 14 3.74 -2.20 -2.90
C HIS A 14 4.27 -1.29 -1.79
N CYS A 15 3.75 -1.48 -0.58
CA CYS A 15 4.17 -0.68 0.56
C CYS A 15 5.54 -1.13 1.07
N CYS A 16 6.32 -0.18 1.58
CA CYS A 16 7.65 -0.47 2.10
C CYS A 16 7.59 -1.53 3.21
N SER A 17 8.75 -1.89 3.74
CA SER A 17 8.82 -2.89 4.79
C SER A 17 7.98 -2.47 6.00
N GLY A 18 7.29 -3.45 6.59
CA GLY A 18 6.46 -3.16 7.74
C GLY A 18 4.99 -2.95 7.37
N LEU A 19 4.76 -2.58 6.12
CA LEU A 19 3.40 -2.35 5.62
C LEU A 19 3.08 -3.27 4.45
N THR A 20 1.80 -3.51 4.24
CA THR A 20 1.35 -4.37 3.15
C THR A 20 0.27 -3.70 2.32
N CYS A 21 0.38 -3.79 1.00
CA CYS A 21 -0.59 -3.19 0.10
C CYS A 21 -1.90 -3.97 0.12
N LYS A 22 -2.78 -3.61 1.05
CA LYS A 22 -4.07 -4.28 1.18
C LYS A 22 -5.11 -3.64 0.25
N CYS A 23 -5.99 -4.47 -0.28
CA CYS A 23 -7.03 -3.98 -1.19
C CYS A 23 -8.36 -4.65 -0.89
N LYS A 24 -9.34 -3.85 -0.46
CA LYS A 24 -10.67 -4.36 -0.14
C LYS A 24 -11.73 -3.72 -1.02
N GLY A 25 -12.10 -4.39 -2.10
CA GLY A 25 -13.10 -3.87 -3.01
C GLY A 25 -12.51 -2.94 -4.05
N SER A 26 -12.86 -1.66 -3.97
CA SER A 26 -12.37 -0.67 -4.92
C SER A 26 -11.43 0.32 -4.23
N SER A 27 -10.83 -0.11 -3.13
CA SER A 27 -9.92 0.74 -2.38
C SER A 27 -8.56 0.06 -2.21
N CYS A 28 -7.50 0.86 -2.21
CA CYS A 28 -6.15 0.34 -2.06
C CYS A 28 -5.31 1.26 -1.17
N VAL A 29 -5.08 0.82 0.07
CA VAL A 29 -4.29 1.61 1.02
C VAL A 29 -3.36 0.71 1.82
N CYS A 30 -2.24 1.28 2.26
CA CYS A 30 -1.25 0.54 3.04
C CYS A 30 -1.74 0.34 4.47
N ARG A 31 -1.51 -0.86 5.01
CA ARG A 31 -1.91 -1.18 6.36
C ARG A 31 -0.87 -2.04 7.06
N LYS A 32 -0.55 -1.68 8.30
CA LYS A 32 0.45 -2.41 9.08
C LYS A 32 0.11 -3.90 9.12
#